data_3T54
#
_entry.id   3T54
#
_cell.length_a   89.957
_cell.length_b   110.597
_cell.length_c   41.307
_cell.angle_alpha   90.00
_cell.angle_beta   90.00
_cell.angle_gamma   90.00
#
_symmetry.space_group_name_H-M   'P 21 21 21'
#
loop_
_entity.id
_entity.type
_entity.pdbx_description
1 polymer 'Inositol Pyrophosphate Kinase'
2 non-polymer "ADENOSINE-5'-TRIPHOSPHATE"
3 non-polymer 'CADMIUM ION'
4 water water
#
_entity_poly.entity_id   1
_entity_poly.type   'polypeptide(L)'
_entity_poly.pdbx_seq_one_letter_code
;GSFTDSPPERQIVVGICSMAKKSKSKPMKEILERISLFKYITVVVFEEEVILNEPVENWPLCDCLISFHSKGFPLDKAVA
YAKLRNPFVINDLNMQYLIQDRREVYSILQAEGILLPRYAILNRDPNNPKECNLIEGEDHVEVNGEVFQKPFVEKPVSAE
DHNVYIYYPTSAGGGSQRLFRKIGSRSSVYSPESNVRKTGSYIYEEFMPTDGTDVKVYTVGPDYAHAEARKSPALDGKVE
RDSEGKEVRYPVILNAREKLIAWKVCLAFKQTVCGFDLLRANGQSYVCDVNGFSFVKNSMKYYDDCAKILGNIVMRELAP
QFHIPWSIPLEAED
;
_entity_poly.pdbx_strand_id   A
#
# COMPACT_ATOMS: atom_id res chain seq x y z
N GLN A 11 31.71 -6.37 -8.15
CA GLN A 11 30.55 -6.40 -7.21
C GLN A 11 29.40 -5.50 -7.66
N ILE A 12 28.21 -6.10 -7.75
CA ILE A 12 27.00 -5.34 -8.07
C ILE A 12 26.55 -4.67 -6.79
N VAL A 13 26.32 -3.36 -6.85
CA VAL A 13 25.90 -2.61 -5.67
C VAL A 13 24.38 -2.40 -5.65
N VAL A 14 23.72 -2.86 -4.60
CA VAL A 14 22.28 -2.60 -4.44
C VAL A 14 22.09 -1.47 -3.42
N GLY A 15 21.55 -0.36 -3.89
CA GLY A 15 21.34 0.83 -3.04
C GLY A 15 19.94 0.82 -2.45
N ILE A 16 19.85 1.10 -1.14
CA ILE A 16 18.59 1.17 -0.43
C ILE A 16 18.36 2.61 -0.05
N CYS A 17 17.30 3.18 -0.61
CA CYS A 17 17.01 4.59 -0.44
C CYS A 17 15.61 4.84 0.12
N SER A 18 15.53 5.08 1.42
CA SER A 18 14.25 5.41 2.07
C SER A 18 14.50 6.09 3.41
N MET A 19 13.42 6.52 4.07
CA MET A 19 13.56 7.09 5.39
C MET A 19 14.11 6.07 6.39
N ALA A 20 14.83 6.57 7.39
CA ALA A 20 15.47 5.70 8.38
C ALA A 20 14.50 4.74 9.12
N LYS A 21 13.32 5.24 9.46
CA LYS A 21 12.26 4.40 10.05
C LYS A 21 12.06 3.10 9.25
N LYS A 22 12.12 3.21 7.93
CA LYS A 22 11.99 2.07 7.03
C LYS A 22 13.29 1.29 6.85
N SER A 23 14.37 1.99 6.51
N SER A 23 14.37 1.99 6.51
CA SER A 23 15.67 1.36 6.20
CA SER A 23 15.64 1.35 6.19
C SER A 23 16.25 0.59 7.38
C SER A 23 16.29 0.63 7.37
N LYS A 24 15.90 1.03 8.59
CA LYS A 24 16.40 0.39 9.81
C LYS A 24 15.41 -0.54 10.50
N SER A 25 14.21 -0.70 9.92
CA SER A 25 13.19 -1.59 10.48
C SER A 25 13.73 -3.02 10.54
N LYS A 26 13.21 -3.82 11.46
CA LYS A 26 13.65 -5.22 11.57
C LYS A 26 13.48 -6.01 10.25
N PRO A 27 12.30 -5.92 9.58
CA PRO A 27 12.17 -6.70 8.34
C PRO A 27 13.18 -6.27 7.28
N MET A 28 13.44 -4.97 7.15
CA MET A 28 14.46 -4.53 6.20
C MET A 28 15.81 -5.15 6.52
N LYS A 29 16.25 -5.01 7.77
CA LYS A 29 17.58 -5.51 8.16
C LYS A 29 17.67 -7.01 7.94
N GLU A 30 16.61 -7.74 8.28
CA GLU A 30 16.53 -9.18 8.04
C GLU A 30 16.70 -9.52 6.57
N ILE A 31 16.04 -8.75 5.71
CA ILE A 31 16.08 -9.01 4.29
C ILE A 31 17.43 -8.63 3.67
N LEU A 32 17.97 -7.48 4.07
CA LEU A 32 19.29 -7.05 3.57
C LEU A 32 20.43 -7.95 4.04
N GLU A 33 20.29 -8.49 5.26
CA GLU A 33 21.23 -9.52 5.75
C GLU A 33 21.31 -10.66 4.75
N ARG A 34 20.15 -11.10 4.27
CA ARG A 34 20.08 -12.25 3.36
C ARG A 34 20.53 -11.95 1.93
N ILE A 35 20.24 -10.74 1.44
CA ILE A 35 20.68 -10.34 0.11
C ILE A 35 22.20 -10.23 0.11
N SER A 36 22.75 -9.77 1.21
CA SER A 36 24.20 -9.68 1.36
C SER A 36 24.91 -11.06 1.26
N LEU A 37 24.16 -12.15 1.44
CA LEU A 37 24.73 -13.50 1.28
C LEU A 37 25.00 -13.90 -0.16
N PHE A 38 24.46 -13.12 -1.11
CA PHE A 38 24.75 -13.31 -2.52
C PHE A 38 26.21 -12.94 -2.76
N LYS A 39 26.98 -13.88 -3.32
CA LYS A 39 28.41 -13.69 -3.54
C LYS A 39 28.79 -12.36 -4.23
N TYR A 40 28.04 -11.97 -5.25
CA TYR A 40 28.40 -10.84 -6.09
C TYR A 40 27.63 -9.54 -5.80
N ILE A 41 26.84 -9.54 -4.74
CA ILE A 41 26.08 -8.36 -4.36
C ILE A 41 26.61 -7.68 -3.09
N THR A 42 26.76 -6.36 -3.15
CA THR A 42 27.06 -5.55 -1.97
C THR A 42 25.86 -4.63 -1.74
N VAL A 43 25.39 -4.55 -0.51
CA VAL A 43 24.27 -3.67 -0.15
C VAL A 43 24.77 -2.36 0.44
N VAL A 44 24.31 -1.23 -0.11
CA VAL A 44 24.61 0.08 0.48
C VAL A 44 23.31 0.78 0.89
N VAL A 45 23.15 1.06 2.19
CA VAL A 45 21.96 1.78 2.68
C VAL A 45 22.27 3.27 2.82
N PHE A 46 21.55 4.10 2.06
CA PHE A 46 21.72 5.55 2.06
C PHE A 46 21.29 6.09 3.43
N GLU A 47 22.14 6.92 4.03
CA GLU A 47 21.83 7.56 5.32
C GLU A 47 20.72 8.58 5.15
N GLU A 48 19.79 8.64 6.11
CA GLU A 48 18.66 9.56 5.95
C GLU A 48 19.16 11.02 5.88
N GLU A 49 20.19 11.33 6.66
CA GLU A 49 20.79 12.68 6.64
C GLU A 49 21.31 13.03 5.24
N VAL A 50 21.91 12.04 4.57
CA VAL A 50 22.38 12.26 3.20
C VAL A 50 21.19 12.47 2.25
N ILE A 51 20.18 11.63 2.40
CA ILE A 51 18.97 11.72 1.56
C ILE A 51 18.31 13.09 1.70
N LEU A 52 18.17 13.57 2.92
CA LEU A 52 17.49 14.84 3.17
C LEU A 52 18.36 16.06 2.84
N ASN A 53 19.63 15.99 3.23
CA ASN A 53 20.48 17.18 3.30
C ASN A 53 21.48 17.37 2.15
N GLU A 54 21.91 16.27 1.54
CA GLU A 54 22.94 16.34 0.48
C GLU A 54 22.31 16.37 -0.91
N PRO A 55 22.94 17.09 -1.85
CA PRO A 55 22.46 17.01 -3.24
C PRO A 55 22.64 15.59 -3.80
N VAL A 56 21.83 15.22 -4.77
CA VAL A 56 21.84 13.85 -5.29
C VAL A 56 23.21 13.46 -5.91
N GLU A 57 23.96 14.45 -6.37
CA GLU A 57 25.31 14.22 -6.90
C GLU A 57 26.29 13.66 -5.85
N ASN A 58 26.00 13.83 -4.57
CA ASN A 58 26.81 13.28 -3.48
C ASN A 58 26.30 11.96 -2.91
N TRP A 59 25.13 11.51 -3.36
CA TRP A 59 24.55 10.26 -2.90
C TRP A 59 25.42 9.11 -3.39
N PRO A 60 25.50 8.01 -2.62
CA PRO A 60 26.34 6.87 -3.03
C PRO A 60 25.90 6.29 -4.37
N LEU A 61 26.84 5.77 -5.16
CA LEU A 61 26.48 5.07 -6.39
C LEU A 61 25.87 3.70 -6.10
N CYS A 62 25.02 3.24 -7.02
CA CYS A 62 24.55 1.86 -7.00
C CYS A 62 24.22 1.44 -8.43
N ASP A 63 24.16 0.14 -8.65
CA ASP A 63 23.82 -0.38 -9.97
C ASP A 63 22.35 -0.75 -10.02
N CYS A 64 21.79 -1.01 -8.85
CA CYS A 64 20.37 -1.35 -8.69
C CYS A 64 19.81 -0.56 -7.52
N LEU A 65 18.69 0.11 -7.72
CA LEU A 65 18.12 0.97 -6.69
C LEU A 65 16.77 0.47 -6.14
N ILE A 66 16.69 0.34 -4.82
CA ILE A 66 15.43 0.01 -4.17
C ILE A 66 15.08 1.24 -3.34
N SER A 67 14.11 2.00 -3.84
CA SER A 67 13.77 3.28 -3.22
C SER A 67 12.27 3.43 -3.13
N PHE A 68 11.80 3.95 -2.00
CA PHE A 68 10.36 4.08 -1.81
C PHE A 68 9.98 5.18 -0.85
N HIS A 69 8.89 5.85 -1.21
CA HIS A 69 8.39 7.00 -0.49
C HIS A 69 7.68 6.56 0.79
N SER A 70 7.87 7.37 1.83
CA SER A 70 7.03 7.35 3.03
C SER A 70 7.04 8.78 3.57
N LYS A 71 6.30 9.04 4.64
CA LYS A 71 6.17 10.44 5.10
C LYS A 71 7.53 11.09 5.31
N GLY A 72 7.72 12.25 4.72
CA GLY A 72 8.96 13.01 4.89
C GLY A 72 10.01 12.71 3.82
N PHE A 73 9.75 11.71 2.98
CA PHE A 73 10.70 11.32 1.94
C PHE A 73 10.70 12.26 0.73
N PRO A 74 11.88 12.69 0.29
CA PRO A 74 11.96 13.54 -0.89
C PRO A 74 11.97 12.76 -2.22
N LEU A 75 10.78 12.43 -2.72
CA LEU A 75 10.63 11.66 -3.94
C LEU A 75 11.25 12.38 -5.17
N ASP A 76 11.11 13.71 -5.22
CA ASP A 76 11.74 14.51 -6.31
C ASP A 76 13.24 14.23 -6.40
N LYS A 77 13.89 14.11 -5.25
CA LYS A 77 15.34 13.83 -5.20
C LYS A 77 15.66 12.39 -5.63
N ALA A 78 14.85 11.42 -5.21
CA ALA A 78 15.03 10.05 -5.67
C ALA A 78 14.92 9.94 -7.19
N VAL A 79 13.93 10.61 -7.77
CA VAL A 79 13.73 10.64 -9.22
C VAL A 79 14.93 11.28 -9.92
N ALA A 80 15.39 12.40 -9.38
CA ALA A 80 16.58 13.10 -9.91
C ALA A 80 17.84 12.21 -9.84
N TYR A 81 18.03 11.53 -8.72
CA TYR A 81 19.13 10.58 -8.57
C TYR A 81 19.10 9.48 -9.63
N ALA A 82 17.94 8.86 -9.82
CA ALA A 82 17.83 7.76 -10.77
C ALA A 82 18.06 8.26 -12.20
N LYS A 83 17.61 9.48 -12.49
CA LYS A 83 17.86 10.07 -13.80
C LYS A 83 19.36 10.34 -14.00
N LEU A 84 20.03 10.78 -12.94
CA LEU A 84 21.47 11.04 -12.98
C LEU A 84 22.33 9.78 -13.14
N ARG A 85 22.05 8.77 -12.33
CA ARG A 85 22.87 7.57 -12.29
C ARG A 85 22.39 6.43 -13.19
N ASN A 86 21.13 6.50 -13.65
CA ASN A 86 20.51 5.44 -14.47
C ASN A 86 20.64 4.00 -13.89
N PRO A 87 20.33 3.80 -12.60
CA PRO A 87 20.42 2.43 -12.07
C PRO A 87 19.24 1.59 -12.53
N PHE A 88 19.35 0.28 -12.36
CA PHE A 88 18.22 -0.66 -12.55
C PHE A 88 17.28 -0.40 -11.37
N VAL A 89 16.07 0.05 -11.64
CA VAL A 89 15.13 0.41 -10.57
C VAL A 89 14.15 -0.75 -10.27
N ILE A 90 14.12 -1.20 -9.02
CA ILE A 90 13.27 -2.31 -8.56
C ILE A 90 11.78 -1.86 -8.41
N ASN A 91 11.57 -0.70 -7.79
CA ASN A 91 10.24 -0.12 -7.65
C ASN A 91 10.20 1.23 -8.38
N ASP A 92 9.36 1.34 -9.41
CA ASP A 92 9.28 2.55 -10.23
C ASP A 92 8.96 3.80 -9.39
N LEU A 93 9.81 4.83 -9.50
CA LEU A 93 9.65 6.01 -8.66
C LEU A 93 8.47 6.94 -9.03
N ASN A 94 8.26 7.15 -10.33
CA ASN A 94 7.18 8.03 -10.78
C ASN A 94 5.78 7.55 -10.38
N MET A 95 5.55 6.23 -10.42
N MET A 95 5.56 6.24 -10.42
CA MET A 95 4.31 5.63 -9.93
CA MET A 95 4.30 5.66 -9.95
C MET A 95 4.04 5.94 -8.45
C MET A 95 4.05 5.91 -8.45
N GLN A 96 5.10 6.27 -7.71
CA GLN A 96 4.96 6.55 -6.29
C GLN A 96 4.30 7.89 -5.98
N TYR A 97 4.29 8.81 -6.93
CA TYR A 97 3.41 9.99 -6.86
C TYR A 97 1.94 9.57 -6.96
N LEU A 98 1.65 8.70 -7.92
CA LEU A 98 0.26 8.26 -8.21
C LEU A 98 -0.33 7.45 -7.06
N ILE A 99 0.50 6.58 -6.46
CA ILE A 99 0.08 5.76 -5.33
C ILE A 99 -0.40 6.60 -4.15
N GLN A 100 0.06 7.84 -4.07
CA GLN A 100 -0.32 8.76 -2.99
C GLN A 100 -1.76 9.30 -3.14
N ASP A 101 -2.38 9.06 -4.27
CA ASP A 101 -3.69 9.60 -4.59
C ASP A 101 -4.67 8.47 -4.89
N ARG A 102 -5.64 8.25 -3.99
CA ARG A 102 -6.60 7.13 -4.18
C ARG A 102 -7.36 7.19 -5.50
N ARG A 103 -7.62 8.39 -5.99
CA ARG A 103 -8.32 8.55 -7.27
C ARG A 103 -7.48 7.97 -8.40
N GLU A 104 -6.17 8.22 -8.36
CA GLU A 104 -5.25 7.65 -9.37
C GLU A 104 -5.17 6.13 -9.29
N VAL A 105 -5.12 5.62 -8.05
CA VAL A 105 -5.13 4.17 -7.80
C VAL A 105 -6.35 3.45 -8.39
N TYR A 106 -7.54 3.98 -8.14
CA TYR A 106 -8.77 3.31 -8.60
C TYR A 106 -8.87 3.33 -10.12
N SER A 107 -8.41 4.43 -10.71
CA SER A 107 -8.36 4.57 -12.16
C SER A 107 -7.47 3.48 -12.79
N ILE A 108 -6.29 3.27 -12.23
CA ILE A 108 -5.43 2.20 -12.73
C ILE A 108 -6.07 0.82 -12.55
N LEU A 109 -6.60 0.51 -11.36
CA LEU A 109 -7.28 -0.79 -11.15
C LEU A 109 -8.39 -1.05 -12.18
N GLN A 110 -9.22 -0.04 -12.41
CA GLN A 110 -10.32 -0.12 -13.38
C GLN A 110 -9.76 -0.41 -14.79
N ALA A 111 -8.74 0.36 -15.20
CA ALA A 111 -8.04 0.12 -16.48
C ALA A 111 -7.51 -1.31 -16.63
N GLU A 112 -7.10 -1.93 -15.53
CA GLU A 112 -6.58 -3.31 -15.57
C GLU A 112 -7.64 -4.40 -15.44
N GLY A 113 -8.91 -4.01 -15.39
CA GLY A 113 -9.99 -4.99 -15.21
C GLY A 113 -9.99 -5.68 -13.84
N ILE A 114 -9.51 -4.98 -12.82
CA ILE A 114 -9.50 -5.50 -11.47
C ILE A 114 -10.80 -5.10 -10.77
N LEU A 115 -11.53 -6.08 -10.22
CA LEU A 115 -12.77 -5.81 -9.49
C LEU A 115 -12.49 -4.89 -8.30
N LEU A 116 -13.29 -3.83 -8.20
CA LEU A 116 -13.29 -2.99 -7.01
C LEU A 116 -14.73 -2.57 -6.67
N PRO A 117 -14.95 -2.05 -5.46
CA PRO A 117 -16.32 -1.64 -5.12
C PRO A 117 -16.79 -0.54 -6.07
N ARG A 118 -18.10 -0.45 -6.29
CA ARG A 118 -18.65 0.70 -6.99
C ARG A 118 -18.31 1.94 -6.18
N TYR A 119 -17.87 2.98 -6.86
CA TYR A 119 -17.41 4.17 -6.15
C TYR A 119 -17.69 5.43 -6.94
N ALA A 120 -17.70 6.57 -6.26
CA ALA A 120 -17.73 7.86 -6.92
C ALA A 120 -16.81 8.83 -6.20
N ILE A 121 -16.13 9.67 -6.98
CA ILE A 121 -15.20 10.66 -6.44
C ILE A 121 -15.91 12.01 -6.24
N LEU A 122 -15.80 12.55 -5.03
CA LEU A 122 -16.29 13.90 -4.77
C LEU A 122 -15.13 14.88 -4.67
N ASN A 123 -14.91 15.64 -5.74
CA ASN A 123 -13.87 16.67 -5.73
C ASN A 123 -14.40 18.03 -5.28
N ARG A 124 -13.88 18.55 -4.19
CA ARG A 124 -14.25 19.88 -3.68
C ARG A 124 -13.18 20.92 -4.01
N ASP A 125 -13.49 21.79 -4.96
CA ASP A 125 -12.62 22.89 -5.34
C ASP A 125 -12.86 24.08 -4.41
N PRO A 126 -11.80 24.58 -3.75
CA PRO A 126 -11.93 25.79 -2.93
C PRO A 126 -12.12 27.07 -3.75
N ASN A 127 -11.85 27.00 -5.06
CA ASN A 127 -12.05 28.14 -5.96
C ASN A 127 -13.52 28.29 -6.37
N ASN A 128 -14.28 27.21 -6.23
CA ASN A 128 -15.65 27.18 -6.72
C ASN A 128 -16.67 26.82 -5.62
N PRO A 129 -17.13 27.83 -4.85
CA PRO A 129 -18.06 27.59 -3.75
C PRO A 129 -19.50 27.32 -4.21
N LYS A 130 -19.84 27.76 -5.42
CA LYS A 130 -21.18 27.57 -5.98
C LYS A 130 -21.34 26.21 -6.66
N GLU A 131 -20.26 25.42 -6.66
CA GLU A 131 -20.31 24.06 -7.18
C GLU A 131 -20.74 23.13 -6.04
N CYS A 132 -21.74 22.30 -6.31
CA CYS A 132 -22.14 21.28 -5.36
C CYS A 132 -22.44 19.99 -6.08
N ASN A 133 -21.71 18.94 -5.71
CA ASN A 133 -21.89 17.65 -6.36
C ASN A 133 -22.26 16.54 -5.38
N LEU A 134 -22.67 16.93 -4.17
CA LEU A 134 -23.13 15.96 -3.20
C LEU A 134 -24.41 16.45 -2.53
N ILE A 135 -25.43 15.60 -2.59
CA ILE A 135 -26.66 15.81 -1.84
C ILE A 135 -26.78 14.73 -0.78
N GLU A 136 -27.04 15.14 0.46
CA GLU A 136 -27.15 14.18 1.55
C GLU A 136 -28.61 13.95 1.99
N GLY A 137 -28.98 12.69 2.14
CA GLY A 137 -30.23 12.29 2.78
C GLY A 137 -29.89 11.59 4.09
N GLU A 138 -30.93 11.15 4.79
CA GLU A 138 -30.78 10.45 6.08
C GLU A 138 -30.02 9.13 5.95
N ASP A 139 -30.37 8.33 4.95
CA ASP A 139 -29.77 7.00 4.72
C ASP A 139 -28.97 6.85 3.42
N HIS A 140 -28.61 7.96 2.79
CA HIS A 140 -27.86 7.86 1.54
C HIS A 140 -27.15 9.14 1.20
N VAL A 141 -26.24 9.06 0.24
CA VAL A 141 -25.67 10.25 -0.38
C VAL A 141 -25.79 10.12 -1.89
N GLU A 142 -25.89 11.26 -2.55
CA GLU A 142 -25.89 11.33 -3.99
C GLU A 142 -24.64 12.07 -4.40
N VAL A 143 -23.76 11.37 -5.10
CA VAL A 143 -22.46 11.91 -5.48
C VAL A 143 -22.42 11.97 -7.00
N ASN A 144 -22.22 13.17 -7.54
CA ASN A 144 -22.24 13.40 -8.99
C ASN A 144 -23.45 12.70 -9.64
N GLY A 145 -24.59 12.75 -8.93
CA GLY A 145 -25.84 12.14 -9.40
C GLY A 145 -26.03 10.66 -9.07
N GLU A 146 -25.02 10.02 -8.49
CA GLU A 146 -25.09 8.58 -8.21
C GLU A 146 -25.36 8.30 -6.73
N VAL A 147 -26.34 7.43 -6.49
CA VAL A 147 -26.81 7.12 -5.13
C VAL A 147 -26.00 6.03 -4.45
N PHE A 148 -25.56 6.31 -3.22
CA PHE A 148 -24.96 5.32 -2.34
C PHE A 148 -25.80 5.20 -1.07
N GLN A 149 -26.44 4.05 -0.91
CA GLN A 149 -27.23 3.79 0.28
C GLN A 149 -26.27 3.40 1.37
N LYS A 150 -26.59 3.78 2.60
CA LYS A 150 -25.84 3.30 3.76
C LYS A 150 -26.08 1.81 3.96
N PRO A 151 -25.04 1.04 4.31
CA PRO A 151 -23.68 1.49 4.64
C PRO A 151 -22.84 1.84 3.42
N PHE A 152 -22.06 2.91 3.55
CA PHE A 152 -21.08 3.26 2.53
C PHE A 152 -19.81 3.73 3.23
N VAL A 153 -18.74 3.80 2.45
CA VAL A 153 -17.42 4.12 2.97
C VAL A 153 -16.99 5.46 2.38
N GLU A 154 -16.34 6.27 3.21
CA GLU A 154 -15.89 7.60 2.81
C GLU A 154 -14.39 7.70 3.07
N LYS A 155 -13.63 7.85 1.99
CA LYS A 155 -12.17 7.86 2.09
C LYS A 155 -11.59 9.17 1.61
N PRO A 156 -10.65 9.74 2.38
CA PRO A 156 -9.95 10.95 1.92
C PRO A 156 -9.21 10.61 0.63
N VAL A 157 -9.20 11.54 -0.32
CA VAL A 157 -8.54 11.24 -1.60
C VAL A 157 -7.03 11.02 -1.41
N SER A 158 -6.45 11.57 -0.36
CA SER A 158 -5.06 11.31 -0.07
C SER A 158 -4.90 9.91 0.54
N ALA A 159 -4.17 9.04 -0.16
CA ALA A 159 -3.93 7.67 0.33
C ALA A 159 -3.15 7.63 1.66
N GLU A 160 -2.49 8.74 2.01
CA GLU A 160 -1.75 8.85 3.27
C GLU A 160 -2.61 9.22 4.46
N ASP A 161 -3.83 9.67 4.18
CA ASP A 161 -4.78 10.05 5.23
C ASP A 161 -5.63 8.84 5.55
N HIS A 162 -5.38 8.21 6.70
CA HIS A 162 -6.08 6.99 7.09
C HIS A 162 -7.43 7.20 7.82
N ASN A 163 -7.95 8.42 7.77
CA ASN A 163 -9.25 8.76 8.38
C ASN A 163 -10.42 8.37 7.48
N VAL A 164 -10.61 7.05 7.38
CA VAL A 164 -11.68 6.47 6.58
C VAL A 164 -12.88 6.32 7.49
N TYR A 165 -14.06 6.77 7.03
CA TYR A 165 -15.29 6.65 7.81
C TYR A 165 -16.27 5.71 7.12
N ILE A 166 -17.00 4.93 7.93
CA ILE A 166 -18.05 4.04 7.46
C ILE A 166 -19.36 4.55 8.08
N TYR A 167 -20.38 4.77 7.25
CA TYR A 167 -21.65 5.33 7.74
C TYR A 167 -22.74 4.25 7.80
N TYR A 168 -23.33 4.06 8.98
CA TYR A 168 -24.34 3.01 9.20
C TYR A 168 -25.76 3.47 8.88
N PRO A 169 -26.59 2.57 8.31
CA PRO A 169 -27.98 2.90 7.99
C PRO A 169 -28.79 3.09 9.27
N THR A 170 -29.85 3.89 9.19
CA THR A 170 -30.81 4.08 10.27
C THR A 170 -31.17 2.75 10.94
N SER A 171 -31.46 1.75 10.11
CA SER A 171 -31.91 0.43 10.56
C SER A 171 -30.93 -0.29 11.47
N ALA A 172 -29.66 0.12 11.44
CA ALA A 172 -28.64 -0.49 12.29
C ALA A 172 -28.27 0.40 13.49
N GLY A 173 -28.93 1.54 13.66
CA GLY A 173 -28.62 2.48 14.74
C GLY A 173 -27.99 3.80 14.28
N GLY A 174 -27.66 3.89 13.00
CA GLY A 174 -27.07 5.12 12.46
C GLY A 174 -25.66 5.35 13.00
N GLY A 175 -25.21 6.60 12.95
CA GLY A 175 -23.87 6.93 13.37
C GLY A 175 -22.84 6.49 12.35
N SER A 176 -21.58 6.43 12.79
CA SER A 176 -20.48 6.16 11.88
C SER A 176 -19.32 5.52 12.61
N GLN A 177 -18.46 4.83 11.87
CA GLN A 177 -17.24 4.30 12.42
C GLN A 177 -16.12 5.11 11.82
N ARG A 178 -15.26 5.64 12.69
CA ARG A 178 -14.16 6.49 12.27
C ARG A 178 -12.91 5.65 12.43
N LEU A 179 -12.27 5.34 11.31
CA LEU A 179 -11.04 4.53 11.32
C LEU A 179 -9.82 5.47 11.33
N PHE A 180 -8.69 4.95 11.76
CA PHE A 180 -7.47 5.73 11.85
C PHE A 180 -6.28 4.80 11.98
N ARG A 181 -5.10 5.36 11.75
CA ARG A 181 -3.87 4.63 11.95
C ARG A 181 -3.84 4.10 13.38
N LYS A 182 -3.64 2.78 13.52
CA LYS A 182 -3.68 2.13 14.83
C LYS A 182 -2.96 2.94 15.93
N ILE A 183 -3.68 3.24 17.00
CA ILE A 183 -3.11 3.78 18.22
C ILE A 183 -3.22 2.65 19.23
N GLY A 184 -2.11 1.93 19.42
CA GLY A 184 -2.03 0.87 20.43
C GLY A 184 -3.11 -0.20 20.37
N SER A 185 -4.14 -0.05 21.20
CA SER A 185 -5.20 -1.07 21.30
C SER A 185 -6.40 -0.86 20.36
N ARG A 186 -6.44 0.26 19.63
N ARG A 186 -6.38 0.21 19.58
CA ARG A 186 -7.60 0.56 18.79
CA ARG A 186 -7.55 0.63 18.79
C ARG A 186 -7.26 1.04 17.39
C ARG A 186 -7.23 1.05 17.36
N SER A 187 -8.12 0.67 16.44
CA SER A 187 -7.98 1.06 15.04
C SER A 187 -9.21 1.83 14.53
N SER A 188 -10.25 1.93 15.35
CA SER A 188 -11.42 2.73 15.00
C SER A 188 -12.29 2.95 16.22
N VAL A 189 -13.20 3.90 16.11
N VAL A 189 -13.20 3.92 16.14
CA VAL A 189 -14.18 4.19 17.17
CA VAL A 189 -14.22 4.08 17.16
C VAL A 189 -15.53 4.57 16.55
C VAL A 189 -15.53 4.49 16.52
N TYR A 190 -16.62 4.20 17.23
CA TYR A 190 -17.95 4.61 16.83
C TYR A 190 -18.19 6.08 17.13
N SER A 191 -18.91 6.74 16.23
CA SER A 191 -19.37 8.13 16.45
C SER A 191 -20.88 8.18 16.19
N PRO A 192 -21.62 8.92 17.04
CA PRO A 192 -23.06 9.13 16.81
C PRO A 192 -23.36 10.00 15.58
N GLU A 193 -22.34 10.69 15.07
CA GLU A 193 -22.50 11.51 13.87
C GLU A 193 -22.93 10.67 12.65
N SER A 194 -24.06 11.05 12.05
CA SER A 194 -24.61 10.35 10.90
C SER A 194 -24.37 11.13 9.59
N ASN A 195 -24.04 12.40 9.71
CA ASN A 195 -23.76 13.23 8.54
C ASN A 195 -22.31 13.12 8.06
N VAL A 196 -22.14 13.09 6.74
CA VAL A 196 -20.82 13.01 6.12
C VAL A 196 -19.98 14.27 6.37
N ARG A 197 -18.69 14.18 6.10
CA ARG A 197 -17.80 15.31 6.30
C ARG A 197 -18.11 16.43 5.30
N LYS A 198 -18.06 17.67 5.78
CA LYS A 198 -18.53 18.82 5.02
C LYS A 198 -17.45 19.52 4.20
N THR A 199 -16.19 19.32 4.57
CA THR A 199 -15.06 19.88 3.81
C THR A 199 -14.13 18.77 3.35
N GLY A 200 -13.43 19.01 2.24
CA GLY A 200 -12.43 18.06 1.73
C GLY A 200 -12.97 17.27 0.56
N SER A 201 -12.07 16.56 -0.12
CA SER A 201 -12.44 15.68 -1.22
C SER A 201 -12.37 14.21 -0.77
N TYR A 202 -13.31 13.41 -1.26
CA TYR A 202 -13.52 12.04 -0.77
C TYR A 202 -13.88 11.10 -1.90
N ILE A 203 -13.56 9.83 -1.72
CA ILE A 203 -14.13 8.77 -2.53
C ILE A 203 -15.24 8.14 -1.68
N TYR A 204 -16.42 7.98 -2.29
CA TYR A 204 -17.52 7.25 -1.68
C TYR A 204 -17.64 5.91 -2.37
N GLU A 205 -17.81 4.85 -1.60
CA GLU A 205 -17.95 3.55 -2.20
C GLU A 205 -18.91 2.67 -1.42
N GLU A 206 -19.43 1.65 -2.11
CA GLU A 206 -20.26 0.65 -1.47
C GLU A 206 -19.49 -0.12 -0.42
N PHE A 207 -20.15 -0.38 0.69
CA PHE A 207 -19.56 -1.22 1.74
C PHE A 207 -19.71 -2.68 1.32
N MET A 208 -18.60 -3.41 1.28
CA MET A 208 -18.60 -4.83 0.93
C MET A 208 -18.68 -5.68 2.20
N PRO A 209 -19.73 -6.51 2.33
CA PRO A 209 -19.83 -7.44 3.46
C PRO A 209 -18.75 -8.52 3.39
N THR A 210 -17.91 -8.61 4.42
CA THR A 210 -16.93 -9.68 4.50
C THR A 210 -17.27 -10.51 5.72
N ASP A 211 -16.49 -11.55 6.00
CA ASP A 211 -16.70 -12.36 7.19
C ASP A 211 -16.13 -11.69 8.46
N GLY A 212 -15.80 -10.41 8.37
CA GLY A 212 -15.18 -9.68 9.50
C GLY A 212 -13.66 -9.59 9.47
N THR A 213 -13.03 -10.10 8.41
CA THR A 213 -11.58 -10.01 8.25
C THR A 213 -11.21 -9.28 6.97
N ASP A 214 -10.04 -8.68 6.96
CA ASP A 214 -9.45 -8.10 5.75
C ASP A 214 -8.27 -8.96 5.37
N VAL A 215 -8.05 -9.14 4.08
CA VAL A 215 -6.91 -9.87 3.60
C VAL A 215 -5.84 -8.87 3.14
N LYS A 216 -4.60 -9.08 3.59
CA LYS A 216 -3.48 -8.29 3.14
C LYS A 216 -2.60 -9.17 2.28
N VAL A 217 -2.26 -8.68 1.09
CA VAL A 217 -1.42 -9.44 0.15
C VAL A 217 -0.09 -8.71 -0.04
N TYR A 218 0.99 -9.48 -0.03
CA TYR A 218 2.34 -8.93 -0.15
C TYR A 218 3.03 -9.66 -1.28
N THR A 219 3.45 -8.92 -2.29
CA THR A 219 4.10 -9.56 -3.44
C THR A 219 5.59 -9.25 -3.48
N VAL A 220 6.36 -10.17 -4.07
CA VAL A 220 7.76 -9.90 -4.39
C VAL A 220 7.88 -10.25 -5.86
N GLY A 221 7.59 -9.27 -6.71
CA GLY A 221 7.41 -9.54 -8.11
C GLY A 221 6.06 -10.21 -8.35
N PRO A 222 5.67 -10.33 -9.62
CA PRO A 222 4.31 -10.72 -9.98
C PRO A 222 3.97 -12.18 -9.71
N ASP A 223 5.00 -13.01 -9.49
CA ASP A 223 4.79 -14.45 -9.36
C ASP A 223 4.92 -15.00 -7.93
N TYR A 224 5.04 -14.11 -6.94
CA TYR A 224 5.13 -14.52 -5.55
C TYR A 224 4.24 -13.62 -4.74
N ALA A 225 3.31 -14.21 -4.00
CA ALA A 225 2.40 -13.41 -3.21
C ALA A 225 2.08 -14.16 -1.93
N HIS A 226 2.29 -13.50 -0.80
CA HIS A 226 1.97 -14.03 0.51
C HIS A 226 0.76 -13.26 1.03
N ALA A 227 -0.24 -13.98 1.52
CA ALA A 227 -1.42 -13.33 2.06
C ALA A 227 -1.61 -13.72 3.52
N GLU A 228 -2.26 -12.83 4.26
CA GLU A 228 -2.66 -13.12 5.62
C GLU A 228 -3.82 -12.20 5.97
N ALA A 229 -4.59 -12.59 6.98
CA ALA A 229 -5.79 -11.84 7.30
C ALA A 229 -5.70 -11.26 8.71
N ARG A 230 -6.53 -10.25 8.97
CA ARG A 230 -6.64 -9.69 10.31
C ARG A 230 -8.06 -9.19 10.48
N LYS A 231 -8.45 -8.99 11.73
CA LYS A 231 -9.79 -8.53 12.06
C LYS A 231 -10.01 -7.19 11.40
N SER A 232 -11.17 -6.99 10.81
CA SER A 232 -11.47 -5.69 10.20
C SER A 232 -11.78 -4.63 11.27
N PRO A 233 -11.23 -3.41 11.10
CA PRO A 233 -11.59 -2.30 11.99
C PRO A 233 -12.95 -1.65 11.65
N ALA A 234 -13.61 -2.17 10.61
CA ALA A 234 -14.83 -1.58 10.06
C ALA A 234 -15.95 -1.37 11.08
N LEU A 235 -16.22 -2.36 11.92
CA LEU A 235 -17.38 -2.29 12.80
C LEU A 235 -17.02 -2.37 14.28
N ASP A 236 -15.84 -2.94 14.57
CA ASP A 236 -15.27 -2.97 15.91
C ASP A 236 -13.82 -2.51 15.85
N GLY A 237 -13.46 -1.57 16.72
CA GLY A 237 -12.16 -0.96 16.65
C GLY A 237 -11.11 -1.55 17.57
N LYS A 238 -11.48 -2.56 18.37
CA LYS A 238 -10.52 -3.16 19.30
C LYS A 238 -9.55 -4.09 18.57
N VAL A 239 -8.26 -3.80 18.70
CA VAL A 239 -7.19 -4.63 18.14
C VAL A 239 -7.03 -5.91 18.96
N GLU A 240 -7.00 -7.04 18.26
CA GLU A 240 -6.82 -8.36 18.87
C GLU A 240 -5.35 -8.64 19.07
N ARG A 241 -4.99 -9.07 20.27
CA ARG A 241 -3.60 -9.45 20.56
C ARG A 241 -3.42 -10.88 21.09
N ASP A 242 -2.25 -11.44 20.82
CA ASP A 242 -1.85 -12.80 21.23
C ASP A 242 -1.82 -12.91 22.75
N SER A 243 -1.88 -14.16 23.25
CA SER A 243 -1.58 -14.46 24.65
C SER A 243 -0.18 -13.97 25.04
N GLU A 244 0.72 -13.95 24.07
CA GLU A 244 2.04 -13.32 24.22
C GLU A 244 1.95 -11.79 24.13
N GLY A 245 1.21 -11.29 23.13
CA GLY A 245 0.99 -9.84 22.98
C GLY A 245 1.08 -9.24 21.58
N LYS A 246 1.35 -10.06 20.57
CA LYS A 246 1.39 -9.59 19.17
C LYS A 246 0.00 -9.50 18.57
N GLU A 247 -0.15 -8.69 17.51
CA GLU A 247 -1.43 -8.59 16.81
C GLU A 247 -1.77 -9.94 16.13
N VAL A 248 -3.03 -10.37 16.26
CA VAL A 248 -3.48 -11.64 15.72
C VAL A 248 -3.59 -11.61 14.18
N ARG A 249 -2.95 -12.58 13.53
CA ARG A 249 -3.07 -12.77 12.09
C ARG A 249 -3.68 -14.14 11.79
N TYR A 250 -4.47 -14.22 10.70
CA TYR A 250 -5.14 -15.45 10.31
C TYR A 250 -4.54 -15.95 8.99
N PRO A 251 -4.45 -17.29 8.81
CA PRO A 251 -3.87 -17.85 7.59
C PRO A 251 -4.76 -17.63 6.37
N VAL A 252 -4.13 -17.37 5.23
CA VAL A 252 -4.81 -17.18 3.96
C VAL A 252 -4.00 -17.90 2.88
N ILE A 253 -4.72 -18.59 1.99
CA ILE A 253 -4.12 -19.08 0.75
C ILE A 253 -4.93 -18.46 -0.38
N LEU A 254 -4.26 -17.81 -1.31
CA LEU A 254 -4.96 -17.16 -2.40
C LEU A 254 -5.45 -18.22 -3.41
N ASN A 255 -6.64 -18.04 -3.94
CA ASN A 255 -7.09 -18.91 -5.04
C ASN A 255 -6.52 -18.43 -6.37
N ALA A 256 -6.84 -19.13 -7.46
CA ALA A 256 -6.29 -18.78 -8.78
C ALA A 256 -6.64 -17.36 -9.25
N ARG A 257 -7.88 -16.93 -9.02
CA ARG A 257 -8.31 -15.59 -9.39
C ARG A 257 -7.49 -14.57 -8.60
N GLU A 258 -7.21 -14.86 -7.33
CA GLU A 258 -6.51 -13.91 -6.48
C GLU A 258 -5.01 -13.83 -6.80
N LYS A 259 -4.43 -14.96 -7.17
CA LYS A 259 -3.05 -15.00 -7.62
C LYS A 259 -2.89 -14.18 -8.89
N LEU A 260 -3.89 -14.24 -9.77
CA LEU A 260 -3.92 -13.37 -10.96
C LEU A 260 -4.07 -11.88 -10.60
N ILE A 261 -4.99 -11.56 -9.69
CA ILE A 261 -5.06 -10.18 -9.16
C ILE A 261 -3.68 -9.68 -8.71
N ALA A 262 -2.96 -10.50 -7.94
CA ALA A 262 -1.67 -10.08 -7.39
C ALA A 262 -0.69 -9.80 -8.53
N TRP A 263 -0.72 -10.64 -9.56
CA TRP A 263 0.12 -10.48 -10.75
C TRP A 263 -0.19 -9.14 -11.41
N LYS A 264 -1.48 -8.83 -11.59
CA LYS A 264 -1.90 -7.59 -12.22
C LYS A 264 -1.53 -6.36 -11.41
N VAL A 265 -1.77 -6.40 -10.10
CA VAL A 265 -1.48 -5.23 -9.25
C VAL A 265 0.02 -4.93 -9.27
N CYS A 266 0.85 -5.97 -9.19
CA CYS A 266 2.27 -5.76 -9.15
C CYS A 266 2.76 -5.08 -10.44
N LEU A 267 2.31 -5.57 -11.58
CA LEU A 267 2.73 -5.00 -12.86
C LEU A 267 2.13 -3.62 -13.15
N ALA A 268 0.88 -3.42 -12.78
CA ALA A 268 0.20 -2.17 -13.10
C ALA A 268 0.84 -0.97 -12.42
N PHE A 269 1.31 -1.16 -11.19
CA PHE A 269 1.84 -0.07 -10.42
C PHE A 269 3.36 -0.03 -10.42
N LYS A 270 3.95 -1.01 -11.10
CA LYS A 270 5.42 -1.11 -11.28
C LYS A 270 6.23 -1.14 -9.97
N GLN A 271 5.65 -1.73 -8.91
CA GLN A 271 6.35 -1.89 -7.64
C GLN A 271 6.68 -3.38 -7.34
N THR A 272 7.90 -3.86 -7.64
CA THR A 272 8.29 -5.29 -7.35
C THR A 272 7.86 -5.76 -5.96
N VAL A 273 8.39 -5.12 -4.91
CA VAL A 273 7.97 -5.41 -3.56
C VAL A 273 6.78 -4.50 -3.32
N CYS A 274 5.58 -5.06 -3.13
CA CYS A 274 4.42 -4.22 -2.87
C CYS A 274 3.36 -4.95 -2.08
N GLY A 275 2.44 -4.20 -1.48
CA GLY A 275 1.33 -4.80 -0.76
C GLY A 275 0.03 -4.15 -1.19
N PHE A 276 -1.07 -4.90 -1.09
CA PHE A 276 -2.40 -4.34 -1.35
C PHE A 276 -3.38 -5.15 -0.53
N ASP A 277 -4.61 -4.64 -0.40
CA ASP A 277 -5.58 -5.39 0.37
CA ASP A 277 -5.66 -5.26 0.39
C ASP A 277 -6.70 -5.94 -0.50
N LEU A 278 -7.28 -7.04 -0.03
CA LEU A 278 -8.38 -7.70 -0.71
C LEU A 278 -9.56 -7.80 0.26
N LEU A 279 -10.75 -7.55 -0.25
CA LEU A 279 -12.00 -7.81 0.45
C LEU A 279 -12.69 -9.02 -0.20
N ARG A 280 -12.82 -10.10 0.55
CA ARG A 280 -13.54 -11.28 0.08
C ARG A 280 -15.03 -11.12 0.41
N ALA A 281 -15.83 -10.87 -0.62
CA ALA A 281 -17.24 -10.57 -0.46
C ALA A 281 -18.04 -11.09 -1.63
N ASN A 282 -19.25 -11.58 -1.35
CA ASN A 282 -20.17 -12.08 -2.40
C ASN A 282 -19.47 -13.01 -3.38
N GLY A 283 -18.66 -13.92 -2.88
CA GLY A 283 -17.96 -14.92 -3.71
C GLY A 283 -16.85 -14.42 -4.61
N GLN A 284 -16.53 -13.13 -4.51
CA GLN A 284 -15.47 -12.51 -5.30
C GLN A 284 -14.46 -11.79 -4.40
N SER A 285 -13.39 -11.27 -4.99
CA SER A 285 -12.35 -10.58 -4.24
C SER A 285 -12.12 -9.20 -4.83
N TYR A 286 -12.26 -8.17 -4.01
CA TYR A 286 -12.15 -6.77 -4.46
C TYR A 286 -10.89 -6.10 -3.91
N VAL A 287 -10.19 -5.37 -4.76
CA VAL A 287 -9.06 -4.55 -4.31
C VAL A 287 -9.52 -3.10 -4.23
N CYS A 288 -9.35 -2.45 -3.09
CA CYS A 288 -9.51 -0.98 -3.11
C CYS A 288 -8.54 -0.28 -2.15
N ASP A 289 -7.35 -0.85 -2.02
CA ASP A 289 -6.23 -0.15 -1.38
C ASP A 289 -4.96 -0.80 -1.90
N VAL A 290 -4.08 0.03 -2.44
CA VAL A 290 -2.79 -0.41 -2.97
C VAL A 290 -1.73 0.43 -2.26
N ASN A 291 -0.88 -0.21 -1.48
CA ASN A 291 0.01 0.53 -0.59
C ASN A 291 1.45 0.74 -1.05
N GLY A 292 1.83 0.09 -2.14
CA GLY A 292 3.23 0.13 -2.58
C GLY A 292 4.14 -0.71 -1.69
N PHE A 293 5.42 -0.32 -1.65
CA PHE A 293 6.46 -1.08 -0.95
C PHE A 293 6.07 -1.49 0.45
N SER A 294 5.97 -2.79 0.68
N SER A 294 6.00 -2.79 0.67
CA SER A 294 5.59 -3.31 1.99
CA SER A 294 5.51 -3.37 1.92
C SER A 294 6.10 -4.71 2.25
C SER A 294 6.24 -4.69 2.19
N PHE A 295 6.75 -4.88 3.40
CA PHE A 295 7.31 -6.17 3.82
C PHE A 295 6.36 -6.89 4.78
N VAL A 296 6.32 -8.22 4.71
CA VAL A 296 5.72 -9.04 5.75
C VAL A 296 6.64 -8.99 6.96
N LYS A 297 6.06 -8.95 8.15
CA LYS A 297 6.82 -8.95 9.40
C LYS A 297 6.67 -10.27 10.15
N ASN A 298 7.74 -10.66 10.83
CA ASN A 298 7.77 -11.82 11.73
C ASN A 298 7.63 -13.17 11.04
N SER A 299 8.00 -13.23 9.77
CA SER A 299 7.93 -14.48 9.03
C SER A 299 9.28 -14.79 8.38
N MET A 300 10.00 -15.74 8.98
CA MET A 300 11.34 -16.10 8.51
C MET A 300 11.31 -16.63 7.07
N LYS A 301 10.25 -17.37 6.74
CA LYS A 301 10.06 -17.91 5.40
C LYS A 301 9.93 -16.78 4.37
N TYR A 302 9.18 -15.75 4.72
CA TYR A 302 9.09 -14.57 3.85
C TYR A 302 10.46 -13.90 3.67
N TYR A 303 11.16 -13.64 4.78
CA TYR A 303 12.51 -13.05 4.69
C TYR A 303 13.39 -13.84 3.73
N ASP A 304 13.40 -15.16 3.90
CA ASP A 304 14.16 -16.06 3.04
C ASP A 304 13.76 -15.92 1.57
N ASP A 305 12.46 -16.04 1.29
CA ASP A 305 11.97 -15.97 -0.10
C ASP A 305 12.18 -14.59 -0.71
N CYS A 306 11.86 -13.54 0.06
CA CYS A 306 11.97 -12.18 -0.48
C CYS A 306 13.40 -11.89 -0.92
N ALA A 307 14.35 -12.21 -0.05
CA ALA A 307 15.76 -11.94 -0.33
C ALA A 307 16.22 -12.75 -1.54
N LYS A 308 15.82 -14.01 -1.60
CA LYS A 308 16.18 -14.85 -2.75
C LYS A 308 15.63 -14.32 -4.07
N ILE A 309 14.34 -13.97 -4.09
CA ILE A 309 13.74 -13.39 -5.31
C ILE A 309 14.46 -12.10 -5.74
N LEU A 310 14.70 -11.19 -4.79
CA LEU A 310 15.33 -9.92 -5.09
C LEU A 310 16.76 -10.11 -5.62
N GLY A 311 17.52 -10.94 -4.92
CA GLY A 311 18.91 -11.24 -5.33
C GLY A 311 18.94 -11.89 -6.71
N ASN A 312 18.00 -12.81 -6.95
CA ASN A 312 17.92 -13.43 -8.27
C ASN A 312 17.54 -12.45 -9.38
N ILE A 313 16.65 -11.50 -9.08
CA ILE A 313 16.26 -10.47 -10.05
C ILE A 313 17.45 -9.60 -10.43
N VAL A 314 18.20 -9.19 -9.41
CA VAL A 314 19.38 -8.34 -9.59
C VAL A 314 20.39 -9.11 -10.46
N MET A 315 20.65 -10.36 -10.09
CA MET A 315 21.67 -11.17 -10.79
C MET A 315 21.29 -11.36 -12.24
N ARG A 316 20.06 -11.81 -12.47
CA ARG A 316 19.55 -12.01 -13.82
C ARG A 316 19.70 -10.76 -14.70
N GLU A 317 19.33 -9.61 -14.16
CA GLU A 317 19.39 -8.37 -14.93
C GLU A 317 20.83 -7.89 -15.20
N LEU A 318 21.72 -8.08 -14.23
CA LEU A 318 22.99 -7.36 -14.25
C LEU A 318 24.26 -8.19 -14.38
N ALA A 319 24.20 -9.49 -14.10
CA ALA A 319 25.39 -10.35 -14.22
C ALA A 319 26.06 -10.30 -15.61
N PRO A 320 25.27 -10.25 -16.71
CA PRO A 320 25.88 -10.10 -18.05
C PRO A 320 26.82 -8.89 -18.21
N GLN A 321 26.33 -7.70 -17.84
CA GLN A 321 27.16 -6.46 -17.85
C GLN A 321 28.46 -6.61 -17.07
N PHE A 322 28.38 -7.26 -15.91
CA PHE A 322 29.52 -7.42 -15.02
C PHE A 322 30.32 -8.70 -15.32
N HIS A 323 29.93 -9.40 -16.38
CA HIS A 323 30.55 -10.67 -16.78
C HIS A 323 30.70 -11.60 -15.59
N ILE A 324 29.57 -11.78 -14.88
CA ILE A 324 29.48 -12.71 -13.77
C ILE A 324 28.74 -13.95 -14.29
N PRO A 325 29.22 -15.16 -13.94
CA PRO A 325 28.53 -16.40 -14.29
C PRO A 325 27.17 -16.50 -13.61
N TRP A 326 26.11 -16.62 -14.41
CA TRP A 326 24.75 -16.79 -13.88
C TRP A 326 23.84 -17.53 -14.85
N SER A 327 23.38 -18.71 -14.45
CA SER A 327 22.52 -19.52 -15.29
C SER A 327 21.06 -19.42 -14.86
N ILE A 328 20.20 -19.00 -15.79
CA ILE A 328 18.73 -19.01 -15.60
C ILE A 328 18.31 -18.27 -14.31
#